data_4O36
#
_entry.id   4O36
#
_cell.length_a   43.910
_cell.length_b   43.910
_cell.length_c   96.400
_cell.angle_alpha   90.00
_cell.angle_beta   90.00
_cell.angle_gamma   120.00
#
_symmetry.space_group_name_H-M   'P 31 2 1'
#
loop_
_entity.id
_entity.type
_entity.pdbx_description
1 polymer 'Ribonuclease pancreatic, S-peptide'
2 polymer 'Ribonuclease pancreatic, S-protein'
3 non-polymer 'SULFATE ION'
4 non-polymer 'CHLORIDE ION'
5 water water
#
loop_
_entity_poly.entity_id
_entity_poly.type
_entity_poly.pdbx_seq_one_letter_code
_entity_poly.pdbx_strand_id
1 'polypeptide(L)' KETAAAHFEQHHMDS A
2 'polypeptide(L)'
;SSSNYCNQMMKSRNLTKDRCKPVNTFVHESLADVQAVCSQKNVACKNGQTNCYQSYSTMSITDCRETGSSKYPNCAYKTT
QANKHIIVACEGNPYVPVHFDASV
;
B
#
# COMPACT_ATOMS: atom_id res chain seq x y z
N GLU A 2 15.52 0.05 6.69
CA GLU A 2 14.91 -1.30 6.34
C GLU A 2 15.02 -1.69 4.84
N THR A 3 14.82 -2.97 4.53
CA THR A 3 14.69 -3.41 3.12
C THR A 3 13.47 -2.82 2.51
N ALA A 4 13.43 -2.84 1.18
CA ALA A 4 12.22 -2.43 0.44
C ALA A 4 11.05 -3.34 0.77
N ALA A 5 11.31 -4.61 0.93
CA ALA A 5 10.26 -5.57 1.32
C ALA A 5 9.69 -5.28 2.70
N ALA A 6 10.57 -4.99 3.63
CA ALA A 6 10.16 -4.64 5.06
C ALA A 6 9.39 -3.34 5.09
N HIS A 7 9.83 -2.36 4.28
CA HIS A 7 9.14 -1.12 4.21
C HIS A 7 7.73 -1.34 3.69
N PHE A 8 7.63 -2.17 2.65
CA PHE A 8 6.30 -2.44 2.09
C PHE A 8 5.31 -3.00 3.15
N GLU A 9 5.78 -3.98 3.92
CA GLU A 9 4.90 -4.61 4.88
C GLU A 9 4.50 -3.60 5.97
N GLN A 10 5.46 -2.83 6.46
CA GLN A 10 5.20 -1.79 7.45
C GLN A 10 4.25 -0.70 6.95
N HIS A 11 4.37 -0.34 5.67
CA HIS A 11 3.62 0.78 5.16
C HIS A 11 2.21 0.37 4.67
N HIS A 12 2.04 -0.87 4.32
CA HIS A 12 0.77 -1.29 3.72
C HIS A 12 -0.02 -2.36 4.39
N MET A 13 0.57 -3.22 5.18
CA MET A 13 -0.19 -4.36 5.73
CA MET A 13 -0.14 -4.38 5.77
C MET A 13 -0.89 -4.07 7.05
N ASP A 14 -2.13 -4.41 7.11
CA ASP A 14 -2.91 -4.31 8.36
C ASP A 14 -3.81 -5.50 8.51
N SER A 15 -3.21 -6.64 8.75
CA SER A 15 -3.95 -7.90 8.65
C SER A 15 -5.21 -7.97 9.52
N ASN B 4 -9.17 9.59 12.96
CA ASN B 4 -9.70 8.53 12.17
C ASN B 4 -8.57 7.48 12.05
N TYR B 5 -8.91 6.36 11.50
CA TYR B 5 -7.99 5.28 11.25
C TYR B 5 -6.73 5.74 10.47
N CYS B 6 -6.93 6.49 9.40
CA CYS B 6 -5.79 6.91 8.54
C CYS B 6 -4.80 7.76 9.35
N ASN B 7 -5.30 8.76 10.06
CA ASN B 7 -4.40 9.62 10.80
C ASN B 7 -3.58 8.74 11.79
N GLN B 8 -4.26 7.87 12.56
CA GLN B 8 -3.57 6.99 13.51
C GLN B 8 -2.56 6.03 12.88
N MET B 9 -2.98 5.33 11.85
CA MET B 9 -2.09 4.33 11.25
CA MET B 9 -2.09 4.37 11.20
C MET B 9 -0.93 4.96 10.43
N MET B 10 -1.19 6.07 9.78
CA MET B 10 -0.14 6.80 9.03
CA MET B 10 -0.06 6.63 9.07
C MET B 10 0.97 7.23 9.98
N LYS B 11 0.59 7.67 11.17
CA LYS B 11 1.55 8.05 12.18
CA LYS B 11 1.63 8.06 12.13
C LYS B 11 2.24 6.81 12.71
N SER B 12 1.47 5.81 13.16
CA SER B 12 2.06 4.61 13.74
CA SER B 12 2.08 4.64 13.79
C SER B 12 3.04 3.89 12.85
N ARG B 13 2.71 3.80 11.57
CA ARG B 13 3.58 3.09 10.63
C ARG B 13 4.64 3.96 10.07
N ASN B 14 4.88 5.13 10.64
CA ASN B 14 5.99 5.99 10.26
C ASN B 14 5.92 6.51 8.85
N LEU B 15 4.71 6.93 8.47
CA LEU B 15 4.55 7.64 7.23
C LEU B 15 4.46 9.11 7.41
N THR B 16 3.97 9.57 8.55
CA THR B 16 3.66 10.93 8.72
C THR B 16 4.24 11.51 10.03
N LYS B 17 5.10 10.77 10.71
CA LYS B 17 5.81 11.33 11.82
C LYS B 17 6.73 12.46 11.41
N ASP B 18 7.31 12.40 10.25
CA ASP B 18 8.27 13.42 9.78
C ASP B 18 7.87 14.13 8.48
N ARG B 19 6.64 13.90 8.00
CA ARG B 19 6.10 14.61 6.89
CA ARG B 19 6.13 14.57 6.83
C ARG B 19 4.63 14.28 6.76
N CYS B 20 3.93 14.90 5.82
CA CYS B 20 2.61 14.39 5.43
C CYS B 20 2.74 13.78 4.03
N LYS B 21 2.38 12.52 3.92
CA LYS B 21 2.35 11.79 2.67
C LYS B 21 1.01 11.96 1.97
N PRO B 22 0.98 12.27 0.67
CA PRO B 22 -0.31 12.52 0.05
C PRO B 22 -1.29 11.34 0.03
N VAL B 23 -0.79 10.11 -0.21
CA VAL B 23 -1.64 8.94 -0.33
CA VAL B 23 -1.64 8.96 -0.28
C VAL B 23 -0.96 7.70 0.17
N ASN B 24 -1.70 6.80 0.81
CA ASN B 24 -1.21 5.49 1.12
C ASN B 24 -2.36 4.54 1.26
N THR B 25 -2.12 3.29 0.96
CA THR B 25 -3.10 2.23 1.01
C THR B 25 -2.70 1.17 2.03
N PHE B 26 -3.68 0.77 2.89
CA PHE B 26 -3.52 -0.33 3.81
C PHE B 26 -4.40 -1.48 3.35
N VAL B 27 -3.84 -2.66 3.44
CA VAL B 27 -4.54 -3.91 2.96
C VAL B 27 -4.84 -4.74 4.20
N HIS B 28 -6.11 -5.06 4.34
CA HIS B 28 -6.62 -5.84 5.46
C HIS B 28 -6.69 -7.31 5.10
N GLU B 29 -5.55 -7.92 4.84
CA GLU B 29 -5.40 -9.35 4.50
C GLU B 29 -4.13 -9.85 5.16
N SER B 30 -3.90 -11.13 5.21
CA SER B 30 -2.66 -11.62 5.75
C SER B 30 -1.43 -11.25 4.94
N LEU B 31 -0.27 -11.16 5.61
CA LEU B 31 0.97 -10.83 4.82
CA LEU B 31 0.99 -10.92 4.91
C LEU B 31 1.17 -11.88 3.73
N ALA B 32 1.00 -13.14 4.06
CA ALA B 32 1.19 -14.19 3.04
C ALA B 32 0.22 -14.14 1.92
N ASP B 33 -1.00 -13.67 2.16
CA ASP B 33 -1.92 -13.53 1.05
C ASP B 33 -1.56 -12.38 0.09
N VAL B 34 -0.94 -11.33 0.58
CA VAL B 34 -0.46 -10.27 -0.30
C VAL B 34 0.86 -10.71 -0.95
N GLN B 35 1.75 -11.41 -0.29
CA GLN B 35 2.96 -11.90 -0.91
C GLN B 35 2.60 -12.84 -2.08
N ALA B 36 1.49 -13.58 -1.91
CA ALA B 36 1.04 -14.49 -3.02
C ALA B 36 0.77 -13.79 -4.29
N VAL B 37 0.55 -12.49 -4.31
CA VAL B 37 0.26 -11.74 -5.54
C VAL B 37 1.43 -11.75 -6.52
N CYS B 38 2.69 -11.89 -6.05
CA CYS B 38 3.82 -11.95 -6.97
C CYS B 38 3.93 -13.15 -7.88
N SER B 39 3.05 -14.13 -7.65
CA SER B 39 2.90 -15.25 -8.62
C SER B 39 1.55 -15.31 -9.25
N GLN B 40 0.84 -14.21 -9.25
CA GLN B 40 -0.51 -14.12 -9.89
C GLN B 40 -0.32 -13.49 -11.28
N LYS B 41 -1.10 -12.48 -11.64
CA LYS B 41 -1.13 -12.02 -13.05
C LYS B 41 -0.07 -10.96 -13.35
N ASN B 42 0.92 -11.21 -14.20
CA ASN B 42 1.96 -10.27 -14.53
C ASN B 42 1.34 -9.19 -15.39
N VAL B 43 1.55 -7.94 -15.04
CA VAL B 43 1.04 -6.84 -15.78
C VAL B 43 2.18 -5.82 -15.98
N ALA B 44 1.98 -4.96 -16.97
CA ALA B 44 2.90 -3.79 -17.15
C ALA B 44 2.77 -2.84 -15.99
N CYS B 45 3.89 -2.23 -15.67
CA CYS B 45 3.97 -1.16 -14.67
C CYS B 45 3.89 0.17 -15.45
N LYS B 46 3.33 1.19 -14.81
CA LYS B 46 3.28 2.54 -15.37
CA LYS B 46 3.26 2.48 -15.49
C LYS B 46 4.66 3.07 -15.66
N ASN B 47 5.63 2.69 -14.82
CA ASN B 47 7.02 3.16 -15.01
C ASN B 47 7.76 2.57 -16.20
N GLY B 48 7.15 1.63 -16.92
CA GLY B 48 7.71 0.98 -18.07
C GLY B 48 8.28 -0.39 -17.74
N GLN B 49 8.47 -0.69 -16.45
CA GLN B 49 9.02 -1.97 -16.10
C GLN B 49 7.90 -2.97 -16.25
N THR B 50 8.23 -4.21 -16.06
CA THR B 50 7.26 -5.30 -16.18
C THR B 50 7.33 -6.34 -15.02
N ASN B 51 7.70 -5.83 -13.87
CA ASN B 51 7.70 -6.65 -12.62
C ASN B 51 6.44 -6.40 -11.69
N CYS B 52 5.36 -5.99 -12.35
CA CYS B 52 4.08 -5.73 -11.62
C CYS B 52 3.14 -6.92 -11.70
N TYR B 53 2.30 -7.11 -10.71
CA TYR B 53 1.42 -8.22 -10.58
C TYR B 53 0.14 -7.69 -10.01
N GLN B 54 -0.96 -8.23 -10.59
CA GLN B 54 -2.33 -7.98 -10.16
C GLN B 54 -2.99 -9.15 -9.54
N SER B 55 -3.66 -8.93 -8.39
CA SER B 55 -4.33 -10.00 -7.63
C SER B 55 -5.50 -10.55 -8.44
N TYR B 56 -5.65 -11.88 -8.37
CA TYR B 56 -6.83 -12.49 -8.98
CA TYR B 56 -6.84 -12.55 -8.98
C TYR B 56 -8.11 -12.00 -8.36
N SER B 57 -8.14 -11.90 -7.02
CA SER B 57 -9.27 -11.56 -6.20
CA SER B 57 -9.36 -11.41 -6.43
C SER B 57 -9.25 -10.06 -5.81
N THR B 58 -10.40 -9.54 -5.38
CA THR B 58 -10.41 -8.30 -4.70
C THR B 58 -9.97 -8.53 -3.23
N MET B 59 -9.42 -7.50 -2.60
CA MET B 59 -9.02 -7.51 -1.19
C MET B 59 -9.62 -6.32 -0.50
N SER B 60 -9.72 -6.41 0.83
CA SER B 60 -10.17 -5.28 1.63
C SER B 60 -9.05 -4.27 1.81
N ILE B 61 -9.34 -3.05 1.42
CA ILE B 61 -8.31 -2.03 1.49
C ILE B 61 -8.92 -0.74 2.02
N THR B 62 -8.07 0.04 2.70
CA THR B 62 -8.40 1.40 3.11
C THR B 62 -7.39 2.32 2.37
N ASP B 63 -7.98 3.30 1.70
CA ASP B 63 -7.19 4.34 1.05
CA ASP B 63 -7.26 4.38 1.04
C ASP B 63 -7.20 5.58 1.98
N CYS B 64 -5.99 6.10 2.24
CA CYS B 64 -5.78 7.27 3.03
C CYS B 64 -5.25 8.36 2.13
N ARG B 65 -6.01 9.41 1.95
CA ARG B 65 -5.66 10.48 1.04
C ARG B 65 -5.71 11.76 1.83
N GLU B 66 -4.62 12.52 1.73
CA GLU B 66 -4.55 13.78 2.40
C GLU B 66 -5.55 14.76 1.85
N THR B 67 -6.14 15.58 2.69
CA THR B 67 -6.95 16.71 2.23
C THR B 67 -6.16 17.80 1.55
N GLY B 68 -6.80 18.69 0.78
CA GLY B 68 -6.07 19.72 0.04
C GLY B 68 -5.34 20.77 0.86
N SER B 69 -5.97 21.08 1.95
CA SER B 69 -5.42 22.01 2.95
C SER B 69 -4.45 21.42 4.00
N SER B 70 -4.30 20.14 4.11
CA SER B 70 -3.48 19.47 5.12
C SER B 70 -2.07 19.96 4.96
N LYS B 71 -1.41 20.19 6.08
CA LYS B 71 0.02 20.51 6.11
C LYS B 71 0.65 20.08 7.40
N TYR B 72 1.88 19.69 7.30
CA TYR B 72 2.65 19.22 8.43
C TYR B 72 2.75 20.33 9.50
N PRO B 73 2.61 19.99 10.79
CA PRO B 73 2.59 18.64 11.34
C PRO B 73 1.24 17.95 11.41
N ASN B 74 0.18 18.72 11.28
CA ASN B 74 -1.16 18.23 11.54
C ASN B 74 -1.77 17.66 10.27
N CYS B 75 -1.28 16.53 9.83
CA CYS B 75 -1.77 15.95 8.57
C CYS B 75 -3.26 15.57 8.74
N ALA B 76 -4.02 15.72 7.70
CA ALA B 76 -5.45 15.37 7.76
C ALA B 76 -5.71 14.47 6.58
N TYR B 77 -6.35 13.33 6.85
CA TYR B 77 -6.62 12.30 5.85
C TYR B 77 -8.12 12.10 5.68
N LYS B 78 -8.55 11.88 4.42
CA LYS B 78 -9.83 11.27 4.03
C LYS B 78 -9.65 9.77 3.97
N THR B 79 -10.55 9.05 4.61
CA THR B 79 -10.52 7.62 4.62
C THR B 79 -11.61 7.03 3.72
N THR B 80 -11.22 6.13 2.83
CA THR B 80 -12.13 5.41 1.94
C THR B 80 -11.84 3.89 2.04
N GLN B 81 -12.91 3.12 2.28
CA GLN B 81 -12.83 1.67 2.36
C GLN B 81 -13.39 1.04 1.11
N ALA B 82 -12.76 0.01 0.58
CA ALA B 82 -13.23 -0.68 -0.63
C ALA B 82 -12.72 -2.07 -0.66
N ASN B 83 -13.39 -2.85 -1.49
CA ASN B 83 -12.90 -4.14 -1.88
C ASN B 83 -12.42 -4.04 -3.31
N LYS B 84 -11.11 -4.15 -3.57
CA LYS B 84 -10.53 -4.01 -4.84
C LYS B 84 -9.34 -4.86 -5.09
N HIS B 85 -9.06 -5.07 -6.38
CA HIS B 85 -7.89 -5.85 -6.74
C HIS B 85 -6.68 -4.91 -6.40
N ILE B 86 -5.56 -5.55 -6.13
CA ILE B 86 -4.32 -4.78 -5.91
C ILE B 86 -3.24 -5.10 -6.96
N ILE B 87 -2.41 -4.09 -7.22
CA ILE B 87 -1.31 -4.16 -8.18
CA ILE B 87 -1.28 -4.28 -8.06
C ILE B 87 -0.04 -3.80 -7.37
N VAL B 88 0.94 -4.69 -7.33
CA VAL B 88 2.18 -4.47 -6.64
C VAL B 88 3.38 -4.75 -7.56
N ALA B 89 4.53 -4.16 -7.24
CA ALA B 89 5.79 -4.40 -7.91
C ALA B 89 6.51 -5.43 -7.05
N CYS B 90 7.12 -6.44 -7.63
CA CYS B 90 7.82 -7.48 -6.97
C CYS B 90 9.29 -7.52 -7.35
N GLU B 91 10.15 -7.97 -6.44
N GLU B 91 10.10 -8.00 -6.41
CA GLU B 91 11.60 -7.94 -6.75
CA GLU B 91 11.56 -7.98 -6.60
C GLU B 91 12.24 -8.85 -5.76
C GLU B 91 12.20 -8.94 -5.64
N GLY B 92 13.36 -9.45 -6.03
CA GLY B 92 14.18 -10.11 -5.05
C GLY B 92 14.06 -11.61 -5.13
N ASN B 93 14.88 -12.22 -4.29
CA ASN B 93 14.77 -13.61 -3.98
C ASN B 93 14.73 -13.83 -2.44
N PRO B 94 13.57 -14.19 -1.87
CA PRO B 94 12.27 -14.47 -2.42
C PRO B 94 11.70 -13.29 -3.19
N TYR B 95 10.85 -13.60 -4.17
CA TYR B 95 10.23 -12.58 -5.03
C TYR B 95 8.95 -12.08 -4.38
N VAL B 96 9.05 -10.89 -3.79
CA VAL B 96 8.05 -10.34 -2.86
C VAL B 96 7.70 -8.93 -3.24
N PRO B 97 6.61 -8.42 -2.67
CA PRO B 97 6.23 -7.07 -2.96
C PRO B 97 7.18 -6.05 -2.39
N VAL B 98 7.48 -5.04 -3.19
CA VAL B 98 8.36 -3.94 -2.76
C VAL B 98 7.71 -2.58 -2.99
N HIS B 99 6.65 -2.47 -3.81
CA HIS B 99 5.94 -1.25 -3.98
C HIS B 99 4.53 -1.55 -4.24
N PHE B 100 3.65 -0.64 -3.77
CA PHE B 100 2.22 -0.71 -3.94
C PHE B 100 1.81 0.27 -5.03
N ASP B 101 1.24 -0.20 -6.13
CA ASP B 101 0.99 0.69 -7.29
C ASP B 101 -0.34 1.27 -7.51
N ALA B 102 -1.34 0.42 -7.46
CA ALA B 102 -2.72 0.80 -7.66
C ALA B 102 -3.69 -0.21 -7.00
N SER B 103 -4.93 0.26 -6.88
CA SER B 103 -6.01 -0.58 -6.51
CA SER B 103 -6.04 -0.59 -6.54
C SER B 103 -7.21 -0.31 -7.48
N VAL B 104 -7.87 -1.44 -7.90
CA VAL B 104 -8.88 -1.61 -8.98
C VAL B 104 -9.87 -2.76 -8.80
#